data_8YP4
#
_entry.id   8YP4
#
_cell.length_a   47.364
_cell.length_b   128.947
_cell.length_c   65.689
_cell.angle_alpha   90.00
_cell.angle_beta   94.86
_cell.angle_gamma   90.00
#
_symmetry.space_group_name_H-M   'P 1 21 1'
#
loop_
_entity.id
_entity.type
_entity.pdbx_description
1 polymer 'Dual specificity mitogen-activated protein kinase kinase 1'
2 non-polymer (4~{S},9~{S},10~{S},12~{E})-16-methoxy-4-methyl-9,10,18-tris(oxidanyl)-3-oxabicyclo[12.4.0]octadeca-1(18),12,14,16-tetraene-2,8-dione
3 non-polymer GLYCEROL
4 water water
#
_entity_poly.entity_id   1
_entity_poly.type   'polypeptide(L)'
_entity_poly.pdbx_seq_one_letter_code
;MQKKLEELELDEQQRKRLEAFLTQKQKVGELKDDDFEKISELGAGNGGVVFKVSHKPSGLVMARKLIHLEIKPAIRNQII
RELQVLHECNSPYIVGFYGAFYSDGEISICMEHMDGGSLDQVLKKAGRIPEQILGKVSIAVIKGLTYLREKHKIMHRDVK
PSNILVNSRGEIKLCDFGVSGQLIDSMANSFVGTRSYMSPERLQGTHYSVQSDIWSMGLSLVEMAVGRYPIPPPDAKELE
LMFGCQVEGDAAEAPPRPRAPGRPLASYGMDSRPPMAIFELLDYIVNEPPPKLPSGVFSLEFQDFVNKCLIKNPAERADL
KQLMVHAFIKRSDAEEVDFAGWLCSTIGLNQPSTAAALEHHHHHH
;
_entity_poly.pdbx_strand_id   A,B
#
loop_
_chem_comp.id
_chem_comp.type
_chem_comp.name
_chem_comp.formula
GOL non-polymer GLYCEROL 'C3 H8 O3'
WNT non-polymer (4~{S},9~{S},10~{S},12~{E})-16-methoxy-4-methyl-9,10,18-tris(oxidanyl)-3-oxabicyclo[12.4.0]octadeca-1(18),12,14,16-tetraene-2,8-dione 'C19 H24 O7'
#
# COMPACT_ATOMS: atom_id res chain seq x y z
N GLN A 2 19.21 -17.80 9.64
CA GLN A 2 19.62 -17.86 11.07
C GLN A 2 20.13 -16.47 11.49
N LYS A 3 21.27 -16.42 12.20
CA LYS A 3 21.88 -15.16 12.62
C LYS A 3 23.07 -14.86 11.71
N LYS A 4 22.94 -15.19 10.41
CA LYS A 4 24.02 -15.06 9.45
C LYS A 4 24.43 -13.60 9.35
N LEU A 5 23.51 -12.73 8.91
CA LEU A 5 23.76 -11.31 8.70
C LEU A 5 25.07 -11.14 7.94
N GLU A 6 25.09 -11.48 6.64
CA GLU A 6 26.31 -11.37 5.87
C GLU A 6 26.01 -10.97 4.42
N GLU A 7 26.61 -9.83 4.01
CA GLU A 7 26.61 -9.38 2.63
C GLU A 7 27.98 -8.77 2.32
N LEU A 8 28.13 -7.44 2.44
CA LEU A 8 29.42 -6.76 2.32
C LEU A 8 29.17 -5.24 2.38
N GLU A 9 30.19 -4.44 2.05
CA GLU A 9 30.04 -3.00 1.84
C GLU A 9 29.16 -2.77 0.62
N LEU A 10 29.45 -3.52 -0.46
CA LEU A 10 28.67 -3.51 -1.69
C LEU A 10 28.33 -4.95 -2.08
N ASP A 11 27.33 -5.50 -1.38
CA ASP A 11 26.81 -6.83 -1.63
C ASP A 11 27.08 -7.22 -3.08
N GLU A 12 28.02 -8.14 -3.29
CA GLU A 12 28.48 -8.56 -4.61
C GLU A 12 27.40 -8.47 -5.69
N GLN A 13 26.13 -8.69 -5.34
CA GLN A 13 25.05 -8.53 -6.31
C GLN A 13 25.03 -7.09 -6.84
N GLN A 14 24.98 -6.12 -5.90
CA GLN A 14 25.07 -4.70 -6.20
C GLN A 14 26.28 -4.41 -7.10
N ARG A 15 27.44 -4.89 -6.67
CA ARG A 15 28.69 -4.73 -7.39
C ARG A 15 28.55 -5.31 -8.81
N LYS A 16 27.95 -6.49 -8.94
CA LYS A 16 27.75 -7.13 -10.25
C LYS A 16 26.79 -6.32 -11.12
N ARG A 17 25.74 -5.77 -10.51
CA ARG A 17 24.74 -5.08 -11.31
C ARG A 17 25.36 -3.80 -11.87
N LEU A 18 26.24 -3.16 -11.08
CA LEU A 18 26.97 -1.96 -11.50
C LEU A 18 27.90 -2.24 -12.67
N GLU A 19 28.42 -3.48 -12.74
CA GLU A 19 29.41 -3.84 -13.75
C GLU A 19 28.67 -4.12 -15.05
N ALA A 20 27.63 -4.96 -14.94
CA ALA A 20 26.71 -5.25 -16.02
C ALA A 20 26.22 -3.98 -16.71
N PHE A 21 25.87 -2.97 -15.90
CA PHE A 21 25.30 -1.75 -16.45
C PHE A 21 26.39 -1.03 -17.24
N LEU A 22 27.57 -0.89 -16.62
CA LEU A 22 28.73 -0.31 -17.26
C LEU A 22 28.95 -0.95 -18.64
N THR A 23 29.02 -2.29 -18.69
CA THR A 23 29.31 -2.97 -19.96
C THR A 23 28.27 -2.59 -21.01
N GLN A 24 26.98 -2.65 -20.63
CA GLN A 24 25.86 -2.37 -21.51
C GLN A 24 25.89 -0.93 -22.01
N LYS A 25 26.15 0.00 -21.10
CA LYS A 25 26.31 1.41 -21.46
C LYS A 25 27.36 1.53 -22.56
N GLN A 26 28.38 0.67 -22.54
CA GLN A 26 29.51 0.80 -23.44
C GLN A 26 29.16 0.26 -24.83
N LYS A 27 28.36 -0.83 -24.87
CA LYS A 27 28.02 -1.47 -26.13
C LYS A 27 26.88 -0.75 -26.86
N VAL A 28 26.39 0.35 -26.29
CA VAL A 28 25.35 1.14 -26.93
C VAL A 28 25.97 2.02 -28.00
N GLY A 29 27.15 2.57 -27.69
CA GLY A 29 27.87 3.39 -28.64
C GLY A 29 27.26 4.79 -28.72
N GLU A 30 27.20 5.32 -29.93
CA GLU A 30 26.79 6.71 -30.15
C GLU A 30 25.26 6.78 -30.01
N LEU A 31 24.79 7.92 -29.49
CA LEU A 31 23.38 8.14 -29.21
C LEU A 31 22.83 9.17 -30.18
N LYS A 32 22.09 8.67 -31.18
CA LYS A 32 21.47 9.46 -32.22
C LYS A 32 19.95 9.40 -32.08
N ASP A 33 19.29 10.56 -32.16
CA ASP A 33 17.83 10.64 -32.15
C ASP A 33 17.19 9.53 -32.99
N ASP A 34 17.85 9.15 -34.09
CA ASP A 34 17.28 8.25 -35.08
C ASP A 34 17.12 6.83 -34.55
N ASP A 35 17.81 6.46 -33.46
CA ASP A 35 17.85 5.07 -33.00
C ASP A 35 16.83 4.77 -31.90
N PHE A 36 15.86 5.69 -31.68
CA PHE A 36 14.94 5.64 -30.55
C PHE A 36 13.48 5.53 -31.01
N GLU A 37 12.88 4.36 -30.73
CA GLU A 37 11.46 4.12 -30.97
C GLU A 37 10.68 4.35 -29.68
N LYS A 38 9.76 5.32 -29.71
CA LYS A 38 9.00 5.69 -28.52
C LYS A 38 8.04 4.55 -28.18
N ILE A 39 8.00 4.21 -26.88
CA ILE A 39 7.13 3.16 -26.37
C ILE A 39 5.93 3.82 -25.69
N SER A 40 6.20 4.89 -24.91
CA SER A 40 5.17 5.54 -24.11
C SER A 40 5.69 6.87 -23.55
N GLU A 41 4.80 7.65 -22.95
CA GLU A 41 5.15 8.90 -22.28
C GLU A 41 5.06 8.70 -20.77
N LEU A 42 6.24 8.55 -20.15
CA LEU A 42 6.34 8.51 -18.70
C LEU A 42 5.99 9.87 -18.14
N GLY A 43 5.89 9.97 -16.81
CA GLY A 43 5.81 11.26 -16.15
C GLY A 43 6.43 12.34 -17.04
N ALA A 44 5.56 13.20 -17.59
CA ALA A 44 5.96 14.23 -18.54
C ALA A 44 6.02 15.58 -17.83
N GLY A 45 6.08 16.67 -18.61
CA GLY A 45 5.97 18.01 -18.08
C GLY A 45 7.26 18.43 -17.36
N ASN A 46 7.13 18.87 -16.11
CA ASN A 46 8.21 19.47 -15.32
C ASN A 46 9.11 20.31 -16.23
N GLY A 47 10.44 20.14 -16.11
CA GLY A 47 11.39 20.78 -17.01
C GLY A 47 11.22 20.32 -18.46
N GLY A 48 10.78 19.07 -18.64
CA GLY A 48 10.53 18.53 -19.97
C GLY A 48 9.87 17.15 -19.91
N VAL A 49 9.22 16.75 -21.00
CA VAL A 49 8.61 15.44 -21.07
C VAL A 49 9.71 14.40 -20.95
N VAL A 50 9.34 13.21 -20.44
CA VAL A 50 10.23 12.07 -20.40
C VAL A 50 9.52 10.90 -21.07
N PHE A 51 10.23 10.21 -21.98
CA PHE A 51 9.66 9.10 -22.73
C PHE A 51 10.36 7.80 -22.36
N LYS A 52 9.58 6.73 -22.31
CA LYS A 52 10.12 5.39 -22.36
C LYS A 52 10.36 5.07 -23.84
N VAL A 53 11.53 4.51 -24.14
CA VAL A 53 11.94 4.30 -25.53
C VAL A 53 12.69 2.97 -25.64
N SER A 54 12.61 2.37 -26.82
CA SER A 54 13.54 1.30 -27.20
C SER A 54 14.65 1.92 -28.03
N HIS A 55 15.88 1.45 -27.80
CA HIS A 55 17.03 1.84 -28.59
C HIS A 55 17.34 0.67 -29.52
N LYS A 56 16.98 0.85 -30.80
CA LYS A 56 16.89 -0.25 -31.75
C LYS A 56 18.19 -1.04 -31.81
N PRO A 57 19.38 -0.38 -31.94
CA PRO A 57 20.64 -1.10 -32.05
C PRO A 57 20.79 -2.11 -30.90
N SER A 58 20.70 -1.58 -29.67
CA SER A 58 20.94 -2.35 -28.46
C SER A 58 19.80 -3.33 -28.18
N GLY A 59 18.56 -2.86 -28.38
CA GLY A 59 17.38 -3.55 -27.87
C GLY A 59 17.20 -3.27 -26.37
N LEU A 60 17.60 -2.07 -25.94
CA LEU A 60 17.48 -1.67 -24.55
C LEU A 60 16.30 -0.71 -24.42
N VAL A 61 15.53 -0.91 -23.34
CA VAL A 61 14.54 0.07 -22.91
C VAL A 61 15.26 1.10 -22.04
N MET A 62 15.00 2.39 -22.29
CA MET A 62 15.58 3.47 -21.54
C MET A 62 14.53 4.55 -21.24
N ALA A 63 14.82 5.42 -20.28
CA ALA A 63 14.05 6.64 -20.10
C ALA A 63 14.82 7.80 -20.70
N ARG A 64 14.22 8.46 -21.70
CA ARG A 64 14.83 9.61 -22.35
C ARG A 64 14.08 10.88 -21.97
N LYS A 65 14.78 11.81 -21.34
CA LYS A 65 14.20 13.09 -20.95
C LYS A 65 14.61 14.11 -22.01
N LEU A 66 13.63 14.90 -22.50
CA LEU A 66 13.90 15.96 -23.46
C LEU A 66 13.62 17.32 -22.81
N ILE A 67 14.63 18.21 -22.81
CA ILE A 67 14.43 19.63 -22.51
C ILE A 67 14.71 20.45 -23.77
N HIS A 68 13.78 21.36 -24.07
CA HIS A 68 13.88 22.28 -25.19
C HIS A 68 14.86 23.40 -24.82
N LEU A 69 15.87 23.60 -25.68
CA LEU A 69 16.84 24.67 -25.52
C LEU A 69 17.48 24.88 -26.88
N GLU A 70 17.41 26.12 -27.39
CA GLU A 70 17.86 26.46 -28.73
C GLU A 70 19.29 27.00 -28.67
N ILE A 71 19.92 27.07 -29.85
CA ILE A 71 21.34 27.34 -30.06
C ILE A 71 22.05 25.99 -30.09
N LYS A 72 23.03 25.83 -31.01
CA LYS A 72 23.83 24.62 -31.10
C LYS A 72 25.15 24.95 -31.78
N PRO A 73 26.05 25.71 -31.12
CA PRO A 73 27.30 26.16 -31.72
C PRO A 73 28.59 25.62 -31.10
N ALA A 74 28.89 24.34 -31.33
CA ALA A 74 30.12 23.71 -30.87
C ALA A 74 30.20 23.71 -29.34
N ILE A 75 29.96 24.88 -28.73
CA ILE A 75 29.88 25.01 -27.28
C ILE A 75 28.76 24.13 -26.74
N ARG A 76 27.98 23.51 -27.62
CA ARG A 76 26.97 22.56 -27.20
C ARG A 76 27.66 21.27 -26.75
N ASN A 77 28.61 20.80 -27.57
CA ASN A 77 29.44 19.65 -27.21
C ASN A 77 30.13 19.92 -25.88
N GLN A 78 30.08 21.18 -25.42
CA GLN A 78 30.48 21.57 -24.07
C GLN A 78 29.30 21.33 -23.13
N ILE A 79 28.14 21.94 -23.41
CA ILE A 79 26.96 21.74 -22.58
C ILE A 79 26.71 20.23 -22.41
N ILE A 80 27.01 19.45 -23.46
CA ILE A 80 26.87 18.00 -23.44
C ILE A 80 27.94 17.40 -22.53
N ARG A 81 29.14 17.97 -22.52
CA ARG A 81 30.26 17.50 -21.71
C ARG A 81 29.95 17.70 -20.21
N GLU A 82 29.26 18.79 -19.89
CA GLU A 82 28.81 19.06 -18.53
C GLU A 82 27.84 17.96 -18.11
N LEU A 83 26.95 17.58 -19.02
CA LEU A 83 26.00 16.50 -18.77
C LEU A 83 26.74 15.17 -18.68
N GLN A 84 27.88 15.06 -19.37
CA GLN A 84 28.69 13.84 -19.35
C GLN A 84 29.30 13.60 -17.97
N VAL A 85 29.14 14.54 -17.03
CA VAL A 85 29.62 14.35 -15.67
C VAL A 85 28.69 13.41 -14.89
N LEU A 86 27.47 13.18 -15.42
CA LEU A 86 26.56 12.17 -14.87
C LEU A 86 27.16 10.77 -15.05
N HIS A 87 28.06 10.62 -16.03
CA HIS A 87 28.85 9.42 -16.22
C HIS A 87 29.83 9.28 -15.05
N CYS A 89 28.66 8.91 -12.23
CA CYS A 89 28.06 8.20 -11.08
C CYS A 89 28.19 6.69 -11.29
N ASN A 90 28.72 6.02 -10.26
CA ASN A 90 28.73 4.57 -10.20
C ASN A 90 28.29 4.19 -8.78
N SER A 91 26.97 4.27 -8.54
CA SER A 91 26.36 4.00 -7.25
C SER A 91 25.10 3.17 -7.43
N PRO A 92 24.84 2.17 -6.55
CA PRO A 92 23.58 1.45 -6.59
C PRO A 92 22.37 2.31 -6.19
N TYR A 93 22.63 3.47 -5.56
CA TYR A 93 21.57 4.32 -5.06
C TYR A 93 21.40 5.52 -5.98
N ILE A 94 22.02 5.46 -7.16
CA ILE A 94 21.94 6.52 -8.15
C ILE A 94 21.56 5.92 -9.49
N VAL A 95 20.58 6.57 -10.15
CA VAL A 95 20.03 6.09 -11.40
C VAL A 95 21.15 6.10 -12.44
N GLY A 96 21.21 5.01 -13.22
CA GLY A 96 22.20 4.87 -14.27
C GLY A 96 22.00 5.87 -15.42
N PHE A 97 23.13 6.33 -16.00
CA PHE A 97 23.12 7.28 -17.10
C PHE A 97 23.77 6.63 -18.33
N TYR A 98 23.10 6.74 -19.48
CA TYR A 98 23.60 6.18 -20.72
C TYR A 98 24.36 7.21 -21.55
N GLY A 99 23.82 8.42 -21.69
CA GLY A 99 24.50 9.49 -22.38
C GLY A 99 23.57 10.68 -22.63
N ALA A 100 24.08 11.69 -23.33
CA ALA A 100 23.26 12.84 -23.67
C ALA A 100 23.67 13.38 -25.04
N PHE A 101 22.69 13.93 -25.77
CA PHE A 101 22.95 14.50 -27.08
C PHE A 101 22.02 15.70 -27.33
N TYR A 102 22.30 16.39 -28.45
CA TYR A 102 21.44 17.45 -28.96
C TYR A 102 20.75 16.96 -30.23
N SER A 103 19.53 17.45 -30.48
CA SER A 103 18.84 17.20 -31.73
C SER A 103 17.60 18.07 -31.78
N ASP A 104 17.41 18.75 -32.91
CA ASP A 104 16.18 19.44 -33.25
C ASP A 104 15.80 20.39 -32.13
N GLY A 105 16.79 21.17 -31.67
CA GLY A 105 16.58 22.15 -30.61
C GLY A 105 16.11 21.51 -29.30
N GLU A 106 16.69 20.35 -28.94
CA GLU A 106 16.19 19.55 -27.85
C GLU A 106 17.33 18.74 -27.24
N ILE A 107 17.67 19.06 -25.97
CA ILE A 107 18.56 18.26 -25.14
C ILE A 107 17.93 16.90 -24.85
N SER A 108 18.68 15.80 -25.10
CA SER A 108 18.28 14.47 -24.67
C SER A 108 19.27 13.96 -23.62
N ILE A 109 18.72 13.44 -22.52
CA ILE A 109 19.44 12.79 -21.44
C ILE A 109 18.81 11.42 -21.22
N CYS A 110 19.57 10.36 -21.52
CA CYS A 110 19.03 9.00 -21.52
C CYS A 110 19.48 8.25 -20.26
N MET A 111 18.50 7.80 -19.47
CA MET A 111 18.77 7.22 -18.18
C MET A 111 18.29 5.78 -18.17
N GLU A 112 18.57 5.06 -17.07
CA GLU A 112 18.11 3.68 -16.94
C GLU A 112 16.60 3.74 -16.68
N HIS A 113 15.88 2.84 -17.35
CA HIS A 113 14.45 2.69 -17.17
C HIS A 113 14.18 2.06 -15.80
N MET A 114 13.63 2.87 -14.88
CA MET A 114 13.17 2.34 -13.61
C MET A 114 11.68 2.03 -13.73
N ASP A 115 11.33 0.73 -13.62
CA ASP A 115 10.04 0.24 -14.05
C ASP A 115 8.94 0.59 -13.03
N GLY A 116 9.31 0.92 -11.79
CA GLY A 116 8.32 1.38 -10.83
C GLY A 116 8.04 2.88 -10.92
N GLY A 117 8.84 3.63 -11.65
CA GLY A 117 8.67 5.06 -11.75
C GLY A 117 9.13 5.79 -10.48
N SER A 118 8.67 7.04 -10.32
CA SER A 118 8.99 7.89 -9.18
C SER A 118 7.99 7.68 -8.06
N LEU A 119 8.43 7.97 -6.82
CA LEU A 119 7.61 7.70 -5.64
C LEU A 119 6.42 8.67 -5.51
N ASP A 120 6.46 9.83 -6.18
N ASP A 120 6.48 9.81 -6.21
CA ASP A 120 5.31 10.70 -6.28
CA ASP A 120 5.35 10.72 -6.31
C ASP A 120 4.22 9.98 -7.07
C ASP A 120 4.23 10.03 -7.10
N GLN A 121 4.60 9.30 -8.17
CA GLN A 121 3.63 8.57 -8.97
C GLN A 121 3.15 7.31 -8.24
N VAL A 122 4.03 6.63 -7.49
CA VAL A 122 3.62 5.47 -6.70
C VAL A 122 2.64 5.93 -5.59
N LEU A 123 2.95 7.03 -4.93
CA LEU A 123 2.10 7.63 -3.93
C LEU A 123 0.66 7.79 -4.40
N LYS A 124 0.49 8.19 -5.67
CA LYS A 124 -0.83 8.42 -6.24
C LYS A 124 -1.57 7.10 -6.35
N LYS A 125 -0.87 6.03 -6.73
CA LYS A 125 -1.48 4.71 -6.77
C LYS A 125 -1.69 4.15 -5.36
N ALA A 126 -0.75 4.43 -4.44
CA ALA A 126 -0.82 3.82 -3.14
C ALA A 126 -1.81 4.56 -2.23
N GLY A 127 -1.80 5.89 -2.28
CA GLY A 127 -2.47 6.65 -1.25
C GLY A 127 -1.49 6.99 -0.13
N ARG A 128 -1.00 5.96 0.57
CA ARG A 128 0.09 6.10 1.54
C ARG A 128 1.15 5.01 1.32
N ILE A 129 2.41 5.32 1.66
CA ILE A 129 3.49 4.34 1.56
C ILE A 129 3.82 3.85 2.96
N PRO A 130 3.75 2.52 3.21
CA PRO A 130 3.88 2.00 4.55
C PRO A 130 5.30 2.08 5.12
N GLU A 131 5.37 1.97 6.44
CA GLU A 131 6.55 2.27 7.22
C GLU A 131 7.74 1.39 6.81
N GLN A 132 7.51 0.08 6.63
CA GLN A 132 8.62 -0.78 6.30
C GLN A 132 9.21 -0.42 4.93
N ILE A 133 8.37 0.04 3.99
CA ILE A 133 8.86 0.43 2.68
C ILE A 133 9.68 1.71 2.80
N LEU A 134 9.17 2.68 3.55
CA LEU A 134 9.88 3.93 3.79
C LEU A 134 11.18 3.72 4.59
N GLY A 135 11.29 2.62 5.33
CA GLY A 135 12.56 2.27 5.95
C GLY A 135 13.61 2.01 4.87
N LYS A 136 13.29 1.09 3.96
CA LYS A 136 14.14 0.77 2.83
C LYS A 136 14.41 1.99 1.95
N VAL A 137 13.41 2.86 1.81
CA VAL A 137 13.61 4.08 1.02
C VAL A 137 14.64 4.95 1.73
N SER A 138 14.40 5.18 3.02
CA SER A 138 15.31 5.95 3.87
C SER A 138 16.73 5.43 3.74
N ILE A 139 16.91 4.11 3.81
CA ILE A 139 18.27 3.58 3.72
C ILE A 139 18.90 3.96 2.39
N ALA A 140 18.17 3.74 1.29
CA ALA A 140 18.69 3.99 -0.05
C ALA A 140 19.06 5.46 -0.22
N VAL A 141 18.18 6.35 0.22
CA VAL A 141 18.43 7.79 0.12
C VAL A 141 19.67 8.16 0.93
N ILE A 142 19.72 7.76 2.21
CA ILE A 142 20.86 8.11 3.04
C ILE A 142 22.15 7.67 2.35
N LYS A 143 22.20 6.42 1.87
CA LYS A 143 23.42 5.93 1.23
C LYS A 143 23.73 6.72 -0.04
N GLY A 144 22.70 7.11 -0.78
CA GLY A 144 22.86 7.87 -2.00
C GLY A 144 23.48 9.24 -1.75
N LEU A 145 23.01 9.92 -0.69
CA LEU A 145 23.62 11.16 -0.22
C LEU A 145 25.06 10.90 0.22
N THR A 146 25.28 9.86 1.02
CA THR A 146 26.62 9.55 1.49
C THR A 146 27.56 9.45 0.29
N TYR A 147 27.16 8.70 -0.74
CA TYR A 147 27.97 8.59 -1.94
C TYR A 147 28.23 9.99 -2.50
N LEU A 148 27.16 10.76 -2.73
CA LEU A 148 27.30 12.05 -3.40
C LEU A 148 28.23 12.96 -2.59
N ARG A 149 28.15 12.89 -1.25
CA ARG A 149 28.91 13.77 -0.38
C ARG A 149 30.37 13.33 -0.37
N GLU A 150 30.61 12.03 -0.53
CA GLU A 150 31.95 11.46 -0.46
C GLU A 150 32.43 11.14 -1.87
N LYS A 151 32.15 12.03 -2.84
CA LYS A 151 32.60 11.85 -4.21
C LYS A 151 32.31 13.09 -5.02
N HIS A 152 31.04 13.26 -5.41
CA HIS A 152 30.69 14.23 -6.44
C HIS A 152 30.81 15.65 -5.87
N LYS A 153 30.72 15.78 -4.54
CA LYS A 153 30.62 17.08 -3.92
C LYS A 153 29.53 17.89 -4.64
N ILE A 154 28.49 17.19 -5.11
CA ILE A 154 27.47 17.77 -5.96
C ILE A 154 26.38 18.40 -5.08
N MET A 155 25.86 19.55 -5.51
CA MET A 155 24.82 20.23 -4.75
C MET A 155 23.55 19.40 -4.73
N HIS A 156 23.40 18.48 -5.68
CA HIS A 156 22.21 17.67 -5.81
C HIS A 156 21.08 18.58 -6.31
N ARG A 157 20.19 18.98 -5.39
CA ARG A 157 19.16 19.98 -5.65
C ARG A 157 18.08 19.82 -4.59
N ASP A 158 17.34 18.70 -4.66
CA ASP A 158 16.37 18.32 -3.63
C ASP A 158 16.23 16.81 -3.54
N VAL A 159 15.75 16.36 -2.38
CA VAL A 159 15.23 15.03 -2.23
C VAL A 159 13.72 15.20 -1.99
N LYS A 160 12.97 14.80 -3.02
CA LYS A 160 11.52 14.80 -3.04
C LYS A 160 11.11 13.41 -3.50
N PRO A 161 9.83 13.03 -3.36
CA PRO A 161 9.33 11.80 -4.00
C PRO A 161 9.57 11.70 -5.51
N SER A 162 9.50 12.84 -6.21
CA SER A 162 9.69 12.85 -7.64
C SER A 162 11.14 12.46 -8.00
N ASN A 163 12.07 12.64 -7.06
CA ASN A 163 13.47 12.28 -7.31
C ASN A 163 13.82 10.84 -6.93
N ILE A 164 12.88 10.07 -6.36
CA ILE A 164 13.18 8.74 -5.88
C ILE A 164 12.48 7.75 -6.79
N LEU A 165 13.28 7.02 -7.58
CA LEU A 165 12.76 6.06 -8.52
C LEU A 165 12.96 4.68 -7.95
N VAL A 166 12.07 3.76 -8.35
CA VAL A 166 12.02 2.41 -7.82
C VAL A 166 11.80 1.43 -8.98
N ASN A 167 12.01 0.15 -8.69
CA ASN A 167 11.84 -0.85 -9.72
C ASN A 167 11.51 -2.19 -9.08
N SER A 168 11.17 -3.15 -9.94
CA SER A 168 10.61 -4.44 -9.57
C SER A 168 11.68 -5.41 -9.07
N ARG A 169 12.94 -4.97 -9.07
CA ARG A 169 14.06 -5.67 -8.44
C ARG A 169 14.27 -5.17 -7.01
N GLY A 170 13.51 -4.15 -6.60
CA GLY A 170 13.58 -3.67 -5.22
C GLY A 170 14.70 -2.67 -5.02
N GLU A 171 15.16 -2.04 -6.11
CA GLU A 171 16.18 -1.01 -6.05
C GLU A 171 15.51 0.35 -5.94
N ILE A 172 16.20 1.29 -5.29
CA ILE A 172 15.69 2.61 -4.96
C ILE A 172 16.82 3.59 -5.22
N LYS A 173 16.67 4.46 -6.23
CA LYS A 173 17.77 5.30 -6.68
C LYS A 173 17.31 6.74 -6.79
N LEU A 174 18.22 7.67 -6.50
CA LEU A 174 17.96 9.08 -6.73
C LEU A 174 18.15 9.37 -8.21
N CYS A 175 17.32 10.27 -8.76
CA CYS A 175 17.46 10.73 -10.12
C CYS A 175 17.82 12.20 -10.11
N ASP A 176 17.31 12.96 -9.14
CA ASP A 176 17.80 14.31 -9.00
C ASP A 176 19.24 14.34 -9.52
N PHE A 177 19.42 14.96 -10.69
CA PHE A 177 20.73 15.21 -11.26
C PHE A 177 20.82 16.71 -11.56
N GLY A 178 22.01 17.28 -11.31
CA GLY A 178 22.19 18.73 -11.32
C GLY A 178 21.89 19.35 -12.69
N VAL A 179 21.78 20.68 -12.71
CA VAL A 179 21.58 21.42 -13.95
C VAL A 179 22.39 22.71 -13.88
N SER A 180 22.90 23.14 -15.03
CA SER A 180 23.50 24.45 -15.21
C SER A 180 22.60 25.32 -16.09
N GLY A 181 21.47 24.77 -16.56
CA GLY A 181 20.56 25.44 -17.47
C GLY A 181 20.81 26.95 -17.53
N GLN A 182 21.46 27.41 -18.61
CA GLN A 182 21.79 28.81 -18.82
C GLN A 182 20.47 29.59 -19.05
N VAL A 192 6.85 24.58 -8.64
CA VAL A 192 6.68 25.09 -7.26
C VAL A 192 5.27 25.69 -7.12
N GLY A 193 4.28 24.80 -6.97
CA GLY A 193 2.89 25.19 -6.77
C GLY A 193 2.33 24.62 -5.47
N THR A 194 2.63 25.34 -4.36
CA THR A 194 2.14 25.09 -3.01
C THR A 194 3.21 24.37 -2.19
N ARG A 195 4.14 23.65 -2.84
CA ARG A 195 5.06 22.77 -2.13
C ARG A 195 6.48 23.32 -2.20
N SER A 196 7.15 23.34 -1.04
CA SER A 196 8.56 23.66 -0.95
C SER A 196 9.27 22.63 -0.08
N TYR A 197 10.45 22.17 -0.54
CA TYR A 197 11.27 21.21 0.19
C TYR A 197 12.54 21.88 0.70
N MET A 198 12.51 23.22 0.75
CA MET A 198 13.67 24.00 1.15
C MET A 198 13.78 23.96 2.67
N SER A 199 14.98 23.68 3.17
CA SER A 199 15.23 23.71 4.59
C SER A 199 15.02 25.14 5.11
N PRO A 200 14.69 25.32 6.42
CA PRO A 200 14.47 26.65 6.98
C PRO A 200 15.68 27.55 6.73
N GLU A 201 16.88 26.99 6.88
CA GLU A 201 18.12 27.76 6.85
C GLU A 201 18.34 28.33 5.46
N ARG A 202 17.93 27.59 4.41
CA ARG A 202 18.17 28.00 3.03
C ARG A 202 16.99 28.82 2.52
N LEU A 203 16.01 29.09 3.38
CA LEU A 203 15.00 30.10 3.12
C LEU A 203 15.41 31.41 3.77
N GLN A 204 16.70 31.55 4.10
CA GLN A 204 17.27 32.75 4.68
C GLN A 204 18.71 32.93 4.16
N TYR A 208 25.11 25.25 1.61
CA TYR A 208 24.40 24.06 1.04
C TYR A 208 24.57 22.88 1.99
N SER A 209 25.29 21.82 1.57
CA SER A 209 25.64 20.69 2.42
C SER A 209 24.45 19.76 2.61
N VAL A 210 24.74 18.56 3.16
CA VAL A 210 23.76 17.49 3.28
C VAL A 210 22.65 17.87 4.26
N GLN A 211 22.93 18.75 5.23
CA GLN A 211 21.96 19.09 6.26
C GLN A 211 20.63 19.55 5.64
N SER A 212 20.69 20.23 4.48
CA SER A 212 19.47 20.64 3.79
C SER A 212 18.76 19.41 3.21
N ASP A 213 19.53 18.42 2.75
CA ASP A 213 18.94 17.28 2.09
C ASP A 213 18.30 16.35 3.12
N ILE A 214 18.90 16.30 4.31
CA ILE A 214 18.34 15.55 5.41
C ILE A 214 16.96 16.11 5.76
N TRP A 215 16.82 17.44 5.78
CA TRP A 215 15.51 18.06 5.96
C TRP A 215 14.51 17.58 4.91
N SER A 216 14.88 17.64 3.62
CA SER A 216 13.96 17.33 2.54
C SER A 216 13.47 15.89 2.67
N MET A 217 14.43 14.98 2.87
CA MET A 217 14.12 13.57 3.02
C MET A 217 13.12 13.39 4.15
N GLY A 218 13.36 14.08 5.27
CA GLY A 218 12.45 14.06 6.41
C GLY A 218 11.05 14.55 6.03
N LEU A 219 10.99 15.67 5.28
CA LEU A 219 9.72 16.20 4.85
C LEU A 219 9.05 15.20 3.90
N SER A 220 9.82 14.64 2.97
CA SER A 220 9.33 13.65 2.00
C SER A 220 8.83 12.37 2.68
N LEU A 221 9.47 11.92 3.75
CA LEU A 221 9.01 10.74 4.45
C LEU A 221 7.63 10.99 5.07
N VAL A 222 7.45 12.17 5.67
CA VAL A 222 6.15 12.56 6.20
C VAL A 222 5.14 12.57 5.05
N GLU A 223 5.50 13.22 3.94
CA GLU A 223 4.62 13.30 2.79
C GLU A 223 4.18 11.88 2.39
N MET A 224 5.14 10.98 2.21
CA MET A 224 4.83 9.67 1.68
C MET A 224 4.09 8.81 2.73
N ALA A 225 4.35 9.08 4.03
CA ALA A 225 3.74 8.31 5.10
C ALA A 225 2.27 8.68 5.29
N VAL A 226 1.91 9.97 5.12
CA VAL A 226 0.56 10.40 5.42
C VAL A 226 -0.26 10.53 4.14
N GLY A 227 0.42 10.78 3.02
CA GLY A 227 -0.21 10.74 1.71
C GLY A 227 -0.53 12.15 1.20
N ARG A 228 0.21 13.14 1.71
CA ARG A 228 -0.16 14.53 1.54
C ARG A 228 1.03 15.38 1.96
N TYR A 229 1.33 16.42 1.17
CA TYR A 229 2.42 17.34 1.48
C TYR A 229 2.07 18.02 2.79
N PRO A 230 2.92 17.96 3.83
CA PRO A 230 2.43 18.19 5.19
C PRO A 230 2.57 19.59 5.78
N ILE A 231 2.69 20.61 4.92
CA ILE A 231 2.71 21.99 5.40
C ILE A 231 1.69 22.80 4.61
N PRO A 232 0.58 23.28 5.22
CA PRO A 232 0.37 23.26 6.67
C PRO A 232 -0.13 21.93 7.23
N PRO A 233 -0.03 21.67 8.55
CA PRO A 233 -0.44 20.38 9.11
C PRO A 233 -1.93 20.15 8.86
N PRO A 234 -2.36 18.89 8.61
CA PRO A 234 -3.78 18.59 8.44
C PRO A 234 -4.69 19.19 9.50
N ASP A 235 -4.14 19.40 10.71
CA ASP A 235 -4.82 20.06 11.82
C ASP A 235 -6.28 19.60 11.88
N ALA A 236 -7.14 20.24 11.06
CA ALA A 236 -8.55 19.92 10.99
C ALA A 236 -8.74 18.42 10.79
N LYS A 237 -8.88 17.70 11.91
CA LYS A 237 -8.91 16.24 11.94
C LYS A 237 -8.06 15.68 10.80
N GLU A 238 -8.70 15.38 9.65
CA GLU A 238 -8.09 14.73 8.51
C GLU A 238 -7.37 13.45 8.96
N LEU A 239 -6.46 13.58 9.94
CA LEU A 239 -5.84 12.45 10.59
C LEU A 239 -6.90 11.46 11.07
N GLU A 240 -8.00 11.97 11.64
CA GLU A 240 -9.10 11.14 12.11
C GLU A 240 -9.74 10.43 10.92
N LEU A 241 -9.91 11.16 9.80
CA LEU A 241 -10.44 10.62 8.56
C LEU A 241 -9.44 9.63 7.95
N MET A 242 -8.20 10.09 7.72
CA MET A 242 -7.14 9.35 7.05
C MET A 242 -6.93 7.99 7.72
N PHE A 243 -6.67 7.98 9.03
CA PHE A 243 -6.27 6.77 9.73
C PHE A 243 -7.34 6.36 10.77
N ALA A 277 -0.21 29.85 -0.85
CA ALA A 277 0.81 30.45 -1.75
C ALA A 277 2.20 30.07 -1.25
N ILE A 278 3.23 30.37 -2.05
CA ILE A 278 4.60 30.02 -1.71
C ILE A 278 5.13 30.96 -0.64
N PHE A 279 4.88 32.28 -0.79
CA PHE A 279 5.44 33.30 0.09
C PHE A 279 4.96 33.05 1.53
N GLU A 280 3.67 32.75 1.68
CA GLU A 280 3.06 32.48 2.99
C GLU A 280 3.66 31.21 3.59
N LEU A 281 3.88 30.20 2.74
CA LEU A 281 4.40 28.91 3.15
C LEU A 281 5.83 28.99 3.67
N LEU A 282 6.63 29.92 3.13
CA LEU A 282 8.04 30.02 3.47
C LEU A 282 8.19 30.54 4.89
N ASP A 283 7.42 31.59 5.24
CA ASP A 283 7.46 32.15 6.58
C ASP A 283 6.93 31.10 7.56
N TYR A 284 6.01 30.25 7.09
CA TYR A 284 5.47 29.17 7.90
C TYR A 284 6.59 28.19 8.22
N ILE A 285 7.39 27.82 7.21
CA ILE A 285 8.46 26.86 7.39
C ILE A 285 9.52 27.43 8.34
N VAL A 286 9.76 28.74 8.28
CA VAL A 286 10.77 29.40 9.09
C VAL A 286 10.25 29.62 10.52
N ASN A 287 9.02 30.13 10.64
CA ASN A 287 8.49 30.57 11.93
C ASN A 287 7.89 29.40 12.71
N GLU A 288 7.07 28.59 12.04
CA GLU A 288 6.25 27.59 12.72
C GLU A 288 7.11 26.38 13.08
N PRO A 289 6.60 25.44 13.92
CA PRO A 289 7.34 24.22 14.24
C PRO A 289 7.34 23.21 13.09
N PRO A 290 8.34 22.30 13.02
CA PRO A 290 8.44 21.34 11.92
C PRO A 290 7.23 20.42 11.92
N PRO A 291 6.87 19.79 10.78
CA PRO A 291 5.89 18.72 10.79
C PRO A 291 6.33 17.50 11.60
N LYS A 292 5.37 16.63 11.89
CA LYS A 292 5.64 15.36 12.50
C LYS A 292 4.61 14.36 11.99
N LEU A 293 5.00 13.08 12.03
CA LEU A 293 4.04 12.00 11.91
C LEU A 293 2.99 12.07 13.00
N PRO A 294 1.73 11.69 12.71
CA PRO A 294 0.77 11.38 13.76
C PRO A 294 1.26 10.25 14.66
N SER A 295 0.82 10.25 15.92
CA SER A 295 1.17 9.20 16.87
C SER A 295 0.21 8.03 16.69
N GLY A 296 0.54 6.90 17.33
CA GLY A 296 -0.33 5.73 17.34
C GLY A 296 -0.16 4.88 16.08
N VAL A 297 -0.08 5.54 14.92
CA VAL A 297 -0.10 4.90 13.61
C VAL A 297 1.31 4.49 13.14
N PHE A 298 2.33 5.24 13.58
CA PHE A 298 3.71 4.99 13.19
C PHE A 298 4.55 4.65 14.42
N SER A 299 5.54 3.77 14.23
CA SER A 299 6.44 3.37 15.31
C SER A 299 7.10 4.61 15.92
N LEU A 300 7.43 4.48 17.22
CA LEU A 300 8.14 5.52 17.95
C LEU A 300 9.55 5.68 17.38
N GLU A 301 10.18 4.57 16.97
CA GLU A 301 11.43 4.66 16.24
C GLU A 301 11.26 5.58 15.02
N PHE A 302 10.21 5.33 14.23
CA PHE A 302 10.03 6.04 12.95
C PHE A 302 9.79 7.51 13.25
N GLN A 303 8.95 7.79 14.24
CA GLN A 303 8.66 9.17 14.61
C GLN A 303 9.93 9.89 15.07
N ASP A 304 10.76 9.16 15.83
CA ASP A 304 11.99 9.72 16.35
C ASP A 304 12.93 10.08 15.20
N PHE A 305 13.13 9.12 14.29
CA PHE A 305 13.95 9.33 13.10
C PHE A 305 13.53 10.59 12.34
N VAL A 306 12.25 10.74 11.99
CA VAL A 306 11.86 11.87 11.17
C VAL A 306 12.04 13.14 12.00
N ASN A 307 11.74 13.06 13.31
CA ASN A 307 11.91 14.19 14.22
C ASN A 307 13.35 14.73 14.19
N LYS A 308 14.33 13.82 14.11
CA LYS A 308 15.74 14.17 14.03
C LYS A 308 16.15 14.74 12.67
N CYS A 309 15.40 14.44 11.60
CA CYS A 309 15.68 14.99 10.28
C CYS A 309 15.13 16.40 10.11
N LEU A 310 14.15 16.76 10.95
CA LEU A 310 13.35 17.95 10.73
C LEU A 310 13.53 18.94 11.88
N ILE A 311 14.61 18.79 12.64
CA ILE A 311 15.07 19.85 13.54
C ILE A 311 15.47 21.06 12.69
N LYS A 312 14.91 22.22 13.05
CA LYS A 312 15.01 23.45 12.27
C LYS A 312 16.44 23.95 12.20
N ASN A 313 17.16 23.90 13.32
CA ASN A 313 18.53 24.38 13.40
C ASN A 313 19.45 23.26 12.89
N PRO A 314 20.16 23.46 11.76
CA PRO A 314 20.98 22.40 11.17
C PRO A 314 22.15 21.93 12.02
N ALA A 315 22.56 22.76 13.00
CA ALA A 315 23.62 22.38 13.93
C ALA A 315 23.13 21.27 14.84
N GLU A 316 21.82 21.28 15.17
CA GLU A 316 21.22 20.27 16.03
C GLU A 316 20.70 19.10 15.20
N ARG A 317 20.23 19.38 13.99
CA ARG A 317 19.70 18.36 13.09
C ARG A 317 20.74 17.28 12.83
N ALA A 318 20.29 16.04 12.64
CA ALA A 318 21.15 14.88 12.52
C ALA A 318 21.96 14.93 11.23
N ASP A 319 23.18 14.39 11.29
CA ASP A 319 24.00 14.22 10.10
C ASP A 319 23.83 12.78 9.63
N LEU A 320 24.35 12.49 8.43
CA LEU A 320 24.24 11.17 7.84
C LEU A 320 24.67 10.08 8.81
N LYS A 321 25.77 10.28 9.56
CA LYS A 321 26.35 9.20 10.34
C LYS A 321 25.39 8.73 11.44
N GLN A 322 24.69 9.68 12.05
CA GLN A 322 23.76 9.39 13.13
C GLN A 322 22.53 8.66 12.59
N LEU A 323 22.11 9.03 11.37
CA LEU A 323 20.94 8.42 10.73
C LEU A 323 21.25 6.96 10.44
N MET A 324 22.47 6.72 9.96
CA MET A 324 22.88 5.37 9.60
C MET A 324 22.81 4.41 10.80
N VAL A 325 22.82 4.94 12.03
CA VAL A 325 22.86 4.11 13.24
C VAL A 325 21.68 4.42 14.16
N HIS A 326 20.68 5.15 13.65
CA HIS A 326 19.42 5.33 14.37
C HIS A 326 18.65 4.00 14.35
N ALA A 327 17.81 3.79 15.37
CA ALA A 327 17.15 2.51 15.58
C ALA A 327 16.17 2.20 14.45
N PHE A 328 15.51 3.24 13.92
CA PHE A 328 14.68 3.08 12.73
C PHE A 328 15.49 2.38 11.65
N ILE A 329 16.64 2.96 11.32
CA ILE A 329 17.50 2.42 10.29
C ILE A 329 18.01 1.02 10.68
N LYS A 330 18.39 0.81 11.94
CA LYS A 330 18.94 -0.49 12.31
C LYS A 330 17.83 -1.53 12.14
N ARG A 331 16.62 -1.21 12.60
CA ARG A 331 15.52 -2.15 12.50
C ARG A 331 15.21 -2.36 11.02
N SER A 332 15.13 -1.25 10.29
CA SER A 332 14.80 -1.27 8.88
C SER A 332 15.76 -2.20 8.14
N ASP A 333 17.06 -2.07 8.42
CA ASP A 333 18.09 -2.83 7.71
C ASP A 333 17.96 -4.33 7.97
N ALA A 334 17.46 -4.73 9.14
CA ALA A 334 17.30 -6.12 9.50
C ALA A 334 15.98 -6.70 9.00
N GLU A 335 15.00 -5.86 8.69
CA GLU A 335 13.71 -6.36 8.24
C GLU A 335 13.85 -6.94 6.83
N GLU A 336 13.23 -8.10 6.59
CA GLU A 336 13.20 -8.70 5.27
C GLU A 336 11.88 -8.33 4.61
N VAL A 337 11.91 -7.25 3.83
CA VAL A 337 10.73 -6.64 3.25
C VAL A 337 10.60 -7.02 1.78
N ASP A 338 9.40 -7.39 1.36
CA ASP A 338 9.14 -7.76 -0.01
C ASP A 338 8.69 -6.50 -0.76
N PHE A 339 9.66 -5.63 -1.02
CA PHE A 339 9.43 -4.32 -1.61
C PHE A 339 8.90 -4.48 -3.03
N ALA A 340 9.48 -5.39 -3.80
CA ALA A 340 9.09 -5.62 -5.20
C ALA A 340 7.61 -6.01 -5.30
N GLY A 341 7.19 -6.91 -4.41
CA GLY A 341 5.82 -7.41 -4.41
C GLY A 341 4.83 -6.34 -3.98
N TRP A 342 5.21 -5.59 -2.96
CA TRP A 342 4.42 -4.44 -2.57
C TRP A 342 4.28 -3.51 -3.78
N LEU A 343 5.41 -3.28 -4.47
CA LEU A 343 5.47 -2.26 -5.50
C LEU A 343 4.72 -2.71 -6.75
N CYS A 344 4.92 -3.98 -7.15
CA CYS A 344 4.28 -4.50 -8.35
C CYS A 344 2.77 -4.52 -8.19
N SER A 345 2.27 -4.99 -7.04
CA SER A 345 0.85 -4.94 -6.73
C SER A 345 0.29 -3.52 -6.74
N THR A 346 1.04 -2.56 -6.20
CA THR A 346 0.53 -1.20 -6.00
C THR A 346 0.26 -0.53 -7.35
N ILE A 347 1.16 -0.72 -8.31
CA ILE A 347 1.12 -0.02 -9.58
C ILE A 347 0.62 -0.93 -10.70
N GLY A 348 0.29 -2.17 -10.36
CA GLY A 348 -0.29 -3.08 -11.32
C GLY A 348 0.71 -3.49 -12.39
N LEU A 349 1.96 -3.69 -11.96
CA LEU A 349 3.01 -4.20 -12.81
C LEU A 349 2.97 -5.73 -12.78
N ASN A 350 2.95 -6.35 -13.96
CA ASN A 350 3.06 -7.78 -14.11
C ASN A 350 4.52 -8.19 -13.87
N GLN A 351 4.76 -9.05 -12.87
CA GLN A 351 6.12 -9.36 -12.44
C GLN A 351 6.78 -10.31 -13.46
N PRO A 352 6.13 -11.43 -13.87
CA PRO A 352 6.61 -12.24 -15.00
C PRO A 352 5.86 -11.94 -16.29
N ASP B 11 -4.67 -27.11 -6.93
CA ASP B 11 -4.89 -26.65 -5.54
C ASP B 11 -4.61 -27.78 -4.55
N GLU B 12 -3.57 -28.57 -4.81
CA GLU B 12 -3.10 -29.59 -3.87
C GLU B 12 -2.48 -28.89 -2.67
N GLN B 13 -1.94 -27.68 -2.90
CA GLN B 13 -1.50 -26.80 -1.83
C GLN B 13 -2.68 -26.47 -0.91
N GLN B 14 -3.82 -26.17 -1.53
CA GLN B 14 -5.01 -25.77 -0.82
C GLN B 14 -5.61 -26.95 -0.03
N ARG B 15 -5.42 -28.17 -0.53
CA ARG B 15 -6.05 -29.34 0.07
C ARG B 15 -5.32 -29.70 1.37
N LYS B 16 -3.99 -29.55 1.33
CA LYS B 16 -3.14 -29.70 2.50
C LYS B 16 -3.64 -28.80 3.63
N ARG B 17 -3.66 -27.48 3.37
CA ARG B 17 -4.02 -26.47 4.36
C ARG B 17 -5.31 -26.83 5.06
N LEU B 18 -6.28 -27.36 4.30
CA LEU B 18 -7.57 -27.79 4.81
C LEU B 18 -7.41 -29.00 5.74
N GLU B 19 -6.61 -29.98 5.31
CA GLU B 19 -6.36 -31.19 6.10
C GLU B 19 -5.63 -30.81 7.39
N ALA B 20 -4.72 -29.84 7.28
CA ALA B 20 -3.91 -29.38 8.39
C ALA B 20 -4.77 -28.71 9.46
N PHE B 21 -5.80 -27.96 9.05
CA PHE B 21 -6.64 -27.28 10.02
C PHE B 21 -7.44 -28.30 10.83
N LEU B 22 -7.87 -29.38 10.17
CA LEU B 22 -8.66 -30.43 10.83
C LEU B 22 -7.83 -31.07 11.94
N THR B 23 -6.57 -31.40 11.60
CA THR B 23 -5.59 -31.87 12.57
C THR B 23 -5.57 -30.91 13.76
N GLN B 24 -5.48 -29.61 13.49
CA GLN B 24 -5.39 -28.62 14.55
C GLN B 24 -6.68 -28.65 15.38
N LYS B 25 -7.82 -28.81 14.71
CA LYS B 25 -9.09 -28.67 15.38
C LYS B 25 -9.37 -29.91 16.24
N GLN B 26 -8.71 -31.04 15.93
CA GLN B 26 -8.90 -32.29 16.66
C GLN B 26 -8.23 -32.20 18.03
N LYS B 27 -7.33 -31.22 18.18
CA LYS B 27 -6.54 -31.03 19.39
C LYS B 27 -7.28 -30.18 20.41
N VAL B 28 -8.46 -29.65 20.06
CA VAL B 28 -9.01 -28.58 20.87
C VAL B 28 -9.54 -29.16 22.17
N GLY B 29 -10.76 -29.70 22.17
CA GLY B 29 -11.27 -30.26 23.40
C GLY B 29 -12.05 -29.23 24.21
N GLU B 30 -12.22 -29.53 25.50
CA GLU B 30 -13.06 -28.75 26.39
C GLU B 30 -12.35 -27.44 26.66
N LEU B 31 -13.07 -26.33 26.48
CA LEU B 31 -12.47 -25.01 26.56
C LEU B 31 -12.85 -24.36 27.88
N LYS B 32 -11.83 -24.00 28.66
CA LYS B 32 -12.02 -23.29 29.92
C LYS B 32 -11.24 -21.98 29.91
N ASP B 33 -11.88 -20.95 30.48
CA ASP B 33 -11.36 -19.60 30.62
C ASP B 33 -9.89 -19.60 31.05
N ASP B 34 -9.54 -20.44 32.03
CA ASP B 34 -8.24 -20.41 32.66
C ASP B 34 -7.17 -21.16 31.86
N ASP B 35 -7.51 -21.69 30.68
CA ASP B 35 -6.49 -22.38 29.89
C ASP B 35 -5.88 -21.42 28.87
N PHE B 36 -6.27 -20.14 28.96
CA PHE B 36 -5.96 -19.17 27.93
C PHE B 36 -5.09 -18.07 28.52
N GLU B 37 -3.95 -17.84 27.85
CA GLU B 37 -3.05 -16.73 28.12
C GLU B 37 -3.30 -15.62 27.08
N LYS B 38 -3.80 -14.47 27.52
CA LYS B 38 -4.01 -13.32 26.64
C LYS B 38 -2.66 -12.83 26.13
N ILE B 39 -2.56 -12.57 24.82
CA ILE B 39 -1.33 -12.11 24.22
C ILE B 39 -1.44 -10.62 23.91
N SER B 40 -2.53 -10.24 23.23
CA SER B 40 -2.73 -8.87 22.82
C SER B 40 -4.19 -8.63 22.50
N GLU B 41 -4.48 -7.44 21.96
CA GLU B 41 -5.83 -7.09 21.54
C GLU B 41 -5.79 -6.91 20.02
N LEU B 42 -6.97 -6.89 19.39
CA LEU B 42 -7.06 -6.76 17.95
C LEU B 42 -8.52 -6.68 17.53
N GLY B 43 -8.91 -5.50 17.02
CA GLY B 43 -10.29 -5.22 16.71
C GLY B 43 -11.14 -5.10 17.98
N ALA B 44 -12.39 -4.64 17.78
CA ALA B 44 -13.39 -4.60 18.83
C ALA B 44 -14.78 -4.29 18.24
N GLY B 45 -14.96 -4.53 16.94
CA GLY B 45 -16.16 -4.12 16.23
C GLY B 45 -17.29 -5.12 16.40
N ASN B 46 -18.46 -4.78 15.85
CA ASN B 46 -19.68 -5.59 15.88
C ASN B 46 -20.18 -5.65 17.33
N GLY B 47 -20.26 -6.85 17.91
CA GLY B 47 -20.77 -7.03 19.26
C GLY B 47 -19.77 -6.59 20.32
N GLY B 48 -18.87 -7.51 20.70
CA GLY B 48 -17.98 -7.32 21.84
C GLY B 48 -16.52 -7.11 21.41
N VAL B 49 -15.60 -7.62 22.26
CA VAL B 49 -14.16 -7.40 22.13
C VAL B 49 -13.55 -8.65 21.52
N VAL B 50 -12.29 -8.56 21.08
CA VAL B 50 -11.60 -9.70 20.50
C VAL B 50 -10.14 -9.62 20.91
N PHE B 51 -9.56 -10.80 21.21
CA PHE B 51 -8.21 -10.92 21.73
C PHE B 51 -7.49 -12.03 20.98
N LYS B 52 -6.18 -11.84 20.81
CA LYS B 52 -5.30 -12.95 20.46
C LYS B 52 -4.99 -13.70 21.75
N VAL B 53 -5.01 -15.04 21.70
CA VAL B 53 -4.82 -15.87 22.88
C VAL B 53 -4.03 -17.13 22.51
N SER B 54 -3.30 -17.63 23.50
CA SER B 54 -2.71 -18.95 23.45
C SER B 54 -3.59 -19.90 24.27
N HIS B 55 -3.76 -21.13 23.79
CA HIS B 55 -4.47 -22.16 24.53
C HIS B 55 -3.43 -23.20 24.91
N LYS B 56 -3.02 -23.19 26.19
CA LYS B 56 -1.88 -23.97 26.63
C LYS B 56 -2.11 -25.45 26.34
N PRO B 57 -3.29 -26.02 26.64
CA PRO B 57 -3.53 -27.45 26.43
C PRO B 57 -3.16 -27.84 25.01
N SER B 58 -3.81 -27.18 24.04
CA SER B 58 -3.67 -27.50 22.62
C SER B 58 -2.37 -26.96 22.04
N GLY B 59 -1.80 -25.91 22.64
CA GLY B 59 -0.65 -25.22 22.07
C GLY B 59 -1.06 -24.42 20.83
N LEU B 60 -2.31 -23.97 20.82
CA LEU B 60 -2.89 -23.32 19.66
C LEU B 60 -3.07 -21.85 19.97
N VAL B 61 -2.62 -21.02 19.03
CA VAL B 61 -2.93 -19.61 19.06
C VAL B 61 -4.30 -19.48 18.41
N MET B 62 -5.13 -18.61 18.98
CA MET B 62 -6.48 -18.43 18.50
C MET B 62 -6.83 -16.95 18.62
N ALA B 63 -8.00 -16.61 18.09
CA ALA B 63 -8.63 -15.33 18.33
C ALA B 63 -9.93 -15.58 19.05
N ARG B 64 -10.19 -14.81 20.11
CA ARG B 64 -11.30 -15.09 20.99
C ARG B 64 -12.21 -13.88 21.04
N LYS B 65 -13.45 -14.03 20.57
CA LYS B 65 -14.41 -12.95 20.65
C LYS B 65 -15.25 -13.15 21.90
N LEU B 66 -15.20 -12.18 22.82
CA LEU B 66 -16.07 -12.17 23.96
C LEU B 66 -17.26 -11.27 23.63
N ILE B 67 -18.46 -11.70 24.03
CA ILE B 67 -19.68 -10.93 23.89
C ILE B 67 -20.39 -10.94 25.23
N HIS B 68 -20.68 -9.75 25.77
CA HIS B 68 -21.27 -9.62 27.09
C HIS B 68 -22.78 -9.76 26.97
N LEU B 69 -23.27 -11.02 26.95
CA LEU B 69 -24.69 -11.32 26.98
C LEU B 69 -24.96 -12.27 28.13
N GLU B 70 -26.12 -12.11 28.79
CA GLU B 70 -26.47 -12.87 29.99
C GLU B 70 -27.64 -13.80 29.69
N ILE B 71 -27.45 -15.11 29.94
CA ILE B 71 -28.45 -16.11 29.64
C ILE B 71 -28.67 -16.99 30.87
N LYS B 72 -29.90 -17.49 31.02
CA LYS B 72 -30.31 -18.28 32.17
C LYS B 72 -29.33 -19.43 32.38
N PRO B 73 -29.07 -19.86 33.64
CA PRO B 73 -28.11 -20.93 33.90
C PRO B 73 -28.60 -22.36 33.60
N ALA B 74 -29.42 -22.50 32.55
CA ALA B 74 -29.81 -23.81 32.05
C ALA B 74 -30.08 -23.76 30.55
N ILE B 75 -30.44 -22.57 30.02
CA ILE B 75 -30.61 -22.40 28.58
C ILE B 75 -29.24 -22.44 27.90
N ARG B 76 -28.21 -21.97 28.62
CA ARG B 76 -26.85 -21.87 28.09
C ARG B 76 -26.55 -23.10 27.25
N ASN B 77 -26.73 -24.28 27.84
CA ASN B 77 -26.43 -25.55 27.20
C ASN B 77 -27.06 -25.63 25.81
N GLN B 78 -28.13 -24.85 25.59
CA GLN B 78 -28.85 -24.85 24.33
C GLN B 78 -28.43 -23.67 23.45
N ILE B 79 -27.94 -22.58 24.06
CA ILE B 79 -27.45 -21.43 23.30
C ILE B 79 -26.14 -21.80 22.62
N ILE B 80 -25.19 -22.35 23.41
CA ILE B 80 -23.88 -22.72 22.90
C ILE B 80 -24.04 -23.74 21.78
N ARG B 81 -24.99 -24.68 21.94
CA ARG B 81 -25.18 -25.76 20.98
C ARG B 81 -25.24 -25.25 19.54
N GLU B 82 -25.91 -24.12 19.31
CA GLU B 82 -26.13 -23.63 17.95
C GLU B 82 -24.80 -23.22 17.30
N LEU B 83 -23.82 -22.79 18.11
CA LEU B 83 -22.54 -22.34 17.58
C LEU B 83 -21.67 -23.52 17.16
N GLN B 84 -21.87 -24.71 17.77
CA GLN B 84 -21.16 -25.91 17.37
C GLN B 84 -21.50 -26.32 15.93
N VAL B 85 -22.48 -25.64 15.32
CA VAL B 85 -22.82 -25.86 13.93
C VAL B 85 -21.64 -25.45 13.02
N LEU B 86 -20.85 -24.46 13.46
CA LEU B 86 -19.84 -23.82 12.61
C LEU B 86 -18.63 -24.72 12.40
N HIS B 87 -18.65 -25.93 12.98
CA HIS B 87 -17.70 -26.99 12.64
C HIS B 87 -17.98 -27.51 11.23
N GLU B 88 -19.24 -27.40 10.80
CA GLU B 88 -19.72 -27.94 9.53
C GLU B 88 -19.29 -27.05 8.37
N CYS B 89 -19.04 -25.75 8.62
CA CYS B 89 -18.31 -24.91 7.67
C CYS B 89 -16.89 -25.43 7.54
N ASN B 90 -16.48 -25.69 6.29
CA ASN B 90 -15.11 -26.10 6.04
C ASN B 90 -14.74 -25.69 4.62
N SER B 91 -14.24 -24.46 4.53
CA SER B 91 -13.90 -23.85 3.26
C SER B 91 -12.56 -23.12 3.39
N PRO B 92 -11.81 -22.97 2.29
CA PRO B 92 -10.54 -22.23 2.32
C PRO B 92 -10.80 -20.72 2.32
N TYR B 93 -12.08 -20.35 2.19
CA TYR B 93 -12.54 -18.97 2.05
C TYR B 93 -13.46 -18.60 3.20
N ILE B 94 -13.44 -19.42 4.26
CA ILE B 94 -14.26 -19.17 5.44
C ILE B 94 -13.38 -19.45 6.66
N VAL B 95 -13.29 -18.47 7.57
CA VAL B 95 -12.38 -18.52 8.71
C VAL B 95 -12.72 -19.73 9.59
N GLY B 96 -11.71 -20.56 9.87
CA GLY B 96 -11.86 -21.71 10.74
C GLY B 96 -12.45 -21.36 12.12
N PHE B 97 -13.12 -22.36 12.72
CA PHE B 97 -13.78 -22.23 14.01
C PHE B 97 -13.27 -23.33 14.94
N TYR B 98 -12.86 -22.94 16.15
CA TYR B 98 -12.27 -23.86 17.11
C TYR B 98 -13.34 -24.35 18.07
N GLY B 99 -14.19 -23.44 18.55
CA GLY B 99 -15.26 -23.81 19.47
C GLY B 99 -15.79 -22.57 20.19
N ALA B 100 -16.83 -22.76 21.01
CA ALA B 100 -17.35 -21.69 21.86
C ALA B 100 -17.69 -22.21 23.26
N PHE B 101 -17.93 -21.27 24.18
CA PHE B 101 -18.26 -21.59 25.57
C PHE B 101 -18.62 -20.32 26.33
N TYR B 102 -19.32 -20.48 27.47
CA TYR B 102 -19.76 -19.38 28.30
C TYR B 102 -19.03 -19.37 29.65
N SER B 103 -18.75 -18.17 30.16
CA SER B 103 -18.26 -17.98 31.52
C SER B 103 -18.11 -16.49 31.82
N ASP B 104 -18.39 -16.12 33.08
CA ASP B 104 -18.33 -14.74 33.55
C ASP B 104 -19.40 -13.89 32.87
N GLY B 105 -20.54 -14.51 32.50
CA GLY B 105 -21.59 -13.78 31.81
C GLY B 105 -21.19 -13.39 30.39
N GLU B 106 -20.25 -14.13 29.78
CA GLU B 106 -19.70 -13.78 28.47
C GLU B 106 -19.56 -15.02 27.58
N ILE B 107 -20.22 -14.98 26.41
CA ILE B 107 -20.01 -15.95 25.34
C ILE B 107 -18.63 -15.72 24.72
N SER B 108 -17.93 -16.82 24.43
CA SER B 108 -16.65 -16.75 23.76
C SER B 108 -16.69 -17.57 22.48
N ILE B 109 -16.24 -16.96 21.37
CA ILE B 109 -16.12 -17.66 20.10
C ILE B 109 -14.64 -17.71 19.73
N CYS B 110 -14.12 -18.93 19.63
CA CYS B 110 -12.73 -19.18 19.35
C CYS B 110 -12.57 -19.61 17.90
N MET B 111 -11.72 -18.88 17.19
CA MET B 111 -11.66 -18.91 15.73
C MET B 111 -10.19 -19.00 15.34
N GLU B 112 -9.95 -19.35 14.07
CA GLU B 112 -8.61 -19.40 13.51
C GLU B 112 -7.98 -18.02 13.63
N HIS B 113 -6.66 -17.99 13.81
CA HIS B 113 -5.95 -16.72 13.91
C HIS B 113 -5.47 -16.29 12.54
N MET B 114 -6.06 -15.19 12.06
CA MET B 114 -5.66 -14.56 10.80
C MET B 114 -4.71 -13.38 11.07
N ASP B 115 -3.41 -13.61 10.88
CA ASP B 115 -2.35 -12.72 11.34
C ASP B 115 -2.34 -11.37 10.63
N GLY B 116 -3.05 -11.28 9.49
CA GLY B 116 -3.15 -10.05 8.70
C GLY B 116 -4.25 -9.11 9.15
N GLY B 117 -5.19 -9.58 9.98
CA GLY B 117 -6.29 -8.75 10.43
C GLY B 117 -7.43 -8.63 9.41
N SER B 118 -8.39 -7.74 9.71
CA SER B 118 -9.47 -7.41 8.80
C SER B 118 -8.98 -6.40 7.77
N LEU B 119 -9.65 -6.37 6.61
CA LEU B 119 -9.33 -5.37 5.61
C LEU B 119 -9.67 -3.95 6.08
N ASP B 120 -10.50 -3.77 7.12
CA ASP B 120 -10.70 -2.43 7.65
C ASP B 120 -9.40 -1.95 8.31
N GLN B 121 -8.74 -2.84 9.04
CA GLN B 121 -7.49 -2.49 9.68
C GLN B 121 -6.41 -2.31 8.62
N VAL B 122 -6.38 -3.17 7.61
CA VAL B 122 -5.39 -3.07 6.56
C VAL B 122 -5.58 -1.76 5.79
N LEU B 123 -6.84 -1.40 5.54
CA LEU B 123 -7.16 -0.20 4.79
C LEU B 123 -6.57 1.04 5.47
N LYS B 124 -6.66 1.09 6.79
CA LYS B 124 -6.12 2.21 7.56
C LYS B 124 -4.61 2.24 7.43
N LYS B 125 -3.96 1.08 7.41
CA LYS B 125 -2.53 1.09 7.14
C LYS B 125 -2.22 1.47 5.69
N ALA B 126 -3.08 1.13 4.73
CA ALA B 126 -2.70 1.24 3.32
C ALA B 126 -3.09 2.59 2.72
N GLY B 127 -4.17 3.20 3.23
CA GLY B 127 -4.80 4.36 2.62
C GLY B 127 -5.84 3.89 1.59
N ARG B 128 -5.33 3.24 0.54
CA ARG B 128 -6.15 2.64 -0.50
C ARG B 128 -5.56 1.27 -0.79
N ILE B 129 -6.42 0.32 -1.19
CA ILE B 129 -5.93 -1.00 -1.56
C ILE B 129 -5.92 -1.08 -3.09
N PRO B 130 -4.76 -1.42 -3.70
CA PRO B 130 -4.64 -1.39 -5.15
C PRO B 130 -5.57 -2.41 -5.82
N GLU B 131 -5.94 -2.09 -7.06
CA GLU B 131 -6.93 -2.82 -7.84
C GLU B 131 -6.61 -4.32 -7.92
N GLN B 132 -5.35 -4.68 -8.12
CA GLN B 132 -4.99 -6.08 -8.30
C GLN B 132 -5.16 -6.85 -7.00
N ILE B 133 -4.90 -6.20 -5.85
CA ILE B 133 -5.14 -6.83 -4.57
C ILE B 133 -6.63 -7.08 -4.43
N LEU B 134 -7.44 -6.09 -4.78
CA LEU B 134 -8.90 -6.17 -4.64
C LEU B 134 -9.52 -7.25 -5.55
N GLY B 135 -8.87 -7.57 -6.67
CA GLY B 135 -9.32 -8.66 -7.52
C GLY B 135 -9.14 -10.00 -6.83
N LYS B 136 -8.00 -10.20 -6.16
CA LYS B 136 -7.83 -11.39 -5.35
C LYS B 136 -8.89 -11.41 -4.24
N VAL B 137 -9.18 -10.26 -3.64
CA VAL B 137 -10.17 -10.20 -2.57
C VAL B 137 -11.52 -10.61 -3.13
N SER B 138 -11.82 -10.09 -4.34
CA SER B 138 -13.11 -10.24 -4.98
C SER B 138 -13.37 -11.72 -5.27
N ILE B 139 -12.37 -12.42 -5.76
CA ILE B 139 -12.49 -13.84 -6.03
C ILE B 139 -12.85 -14.57 -4.74
N ALA B 140 -12.01 -14.40 -3.70
CA ALA B 140 -12.23 -15.03 -2.41
C ALA B 140 -13.66 -14.82 -1.93
N VAL B 141 -14.10 -13.57 -1.93
CA VAL B 141 -15.39 -13.26 -1.36
C VAL B 141 -16.46 -14.07 -2.09
N ILE B 142 -16.42 -14.02 -3.43
CA ILE B 142 -17.38 -14.70 -4.30
C ILE B 142 -17.35 -16.20 -4.02
N LYS B 143 -16.18 -16.82 -4.16
CA LYS B 143 -16.05 -18.23 -3.85
C LYS B 143 -16.58 -18.52 -2.46
N GLY B 144 -16.34 -17.57 -1.53
CA GLY B 144 -16.82 -17.66 -0.17
C GLY B 144 -18.34 -17.75 -0.11
N LEU B 145 -19.04 -16.77 -0.69
CA LEU B 145 -20.49 -16.78 -0.70
C LEU B 145 -21.03 -17.98 -1.50
N THR B 146 -20.21 -18.49 -2.41
CA THR B 146 -20.63 -19.57 -3.29
C THR B 146 -20.63 -20.89 -2.50
N TYR B 147 -19.85 -20.95 -1.41
CA TYR B 147 -19.81 -22.15 -0.58
C TYR B 147 -20.94 -22.11 0.48
N LEU B 148 -21.29 -20.91 0.94
CA LEU B 148 -22.36 -20.73 1.90
C LEU B 148 -23.73 -21.07 1.31
N ARG B 149 -23.85 -21.13 -0.02
CA ARG B 149 -25.10 -21.51 -0.66
C ARG B 149 -25.09 -23.00 -0.95
N GLU B 150 -24.08 -23.46 -1.71
CA GLU B 150 -23.96 -24.87 -2.06
C GLU B 150 -23.89 -25.69 -0.77
N LYS B 151 -22.68 -25.83 -0.19
CA LYS B 151 -22.49 -26.74 0.92
C LYS B 151 -23.46 -26.33 2.01
N HIS B 152 -24.55 -27.09 2.13
CA HIS B 152 -25.67 -26.79 3.00
C HIS B 152 -26.11 -25.36 2.68
N LYS B 153 -27.34 -24.99 3.05
CA LYS B 153 -27.89 -23.70 2.67
C LYS B 153 -27.54 -22.66 3.73
N ILE B 154 -26.36 -22.80 4.37
CA ILE B 154 -26.10 -22.15 5.65
C ILE B 154 -26.11 -20.64 5.50
N MET B 155 -25.36 -20.09 4.53
CA MET B 155 -25.48 -18.68 4.18
C MET B 155 -25.38 -17.78 5.43
N HIS B 156 -26.25 -16.75 5.51
CA HIS B 156 -26.20 -15.66 6.50
C HIS B 156 -24.83 -14.99 6.62
N ARG B 157 -24.83 -13.82 7.29
CA ARG B 157 -23.66 -12.99 7.53
C ARG B 157 -23.57 -11.88 6.46
N ASP B 158 -23.05 -10.70 6.87
CA ASP B 158 -22.97 -9.50 6.04
C ASP B 158 -21.52 -9.22 5.63
N VAL B 159 -21.32 -8.69 4.41
CA VAL B 159 -20.00 -8.60 3.81
C VAL B 159 -19.51 -7.15 3.83
N LYS B 160 -18.37 -6.94 4.48
CA LYS B 160 -17.77 -5.62 4.59
C LYS B 160 -16.28 -5.79 4.90
N PRO B 161 -15.45 -4.72 4.79
CA PRO B 161 -14.03 -4.82 5.09
C PRO B 161 -13.69 -5.48 6.43
N SER B 162 -14.50 -5.20 7.47
CA SER B 162 -14.29 -5.78 8.80
C SER B 162 -14.50 -7.29 8.81
N ASN B 163 -15.32 -7.84 7.90
CA ASN B 163 -15.64 -9.26 7.92
C ASN B 163 -14.71 -10.04 6.99
N ILE B 164 -13.80 -9.35 6.30
CA ILE B 164 -12.83 -10.02 5.43
C ILE B 164 -11.47 -10.00 6.12
N LEU B 165 -10.91 -11.19 6.35
CA LEU B 165 -9.67 -11.35 7.08
C LEU B 165 -8.64 -11.93 6.14
N VAL B 166 -7.36 -11.68 6.46
CA VAL B 166 -6.26 -12.04 5.58
C VAL B 166 -5.09 -12.54 6.42
N ASN B 167 -4.10 -13.16 5.76
CA ASN B 167 -2.94 -13.67 6.48
C ASN B 167 -1.71 -13.70 5.58
N SER B 168 -0.54 -13.89 6.22
CA SER B 168 0.75 -13.84 5.55
C SER B 168 0.97 -15.02 4.59
N ARG B 169 -0.01 -15.92 4.47
CA ARG B 169 0.02 -16.97 3.46
C ARG B 169 -0.89 -16.60 2.28
N GLY B 170 -1.35 -15.35 2.27
CA GLY B 170 -2.15 -14.85 1.18
C GLY B 170 -3.53 -15.48 1.11
N GLU B 171 -4.07 -15.90 2.27
CA GLU B 171 -5.44 -16.37 2.31
C GLU B 171 -6.35 -15.20 2.64
N ILE B 172 -7.56 -15.25 2.09
CA ILE B 172 -8.60 -14.25 2.29
C ILE B 172 -9.86 -15.03 2.64
N LYS B 173 -10.53 -14.66 3.75
CA LYS B 173 -11.63 -15.46 4.24
C LYS B 173 -12.66 -14.57 4.90
N LEU B 174 -13.92 -14.99 4.79
CA LEU B 174 -14.98 -14.30 5.49
C LEU B 174 -15.04 -14.86 6.90
N CYS B 175 -15.52 -14.03 7.81
CA CYS B 175 -15.71 -14.38 9.19
C CYS B 175 -17.21 -14.48 9.45
N ASP B 176 -17.70 -15.70 9.70
CA ASP B 176 -19.12 -16.01 9.76
C ASP B 176 -19.55 -15.91 11.22
N PHE B 177 -20.09 -17.00 11.78
CA PHE B 177 -20.53 -17.06 13.17
C PHE B 177 -21.73 -16.13 13.35
N GLY B 178 -22.71 -16.60 14.14
CA GLY B 178 -23.81 -15.76 14.60
C GLY B 178 -25.20 -16.34 14.34
N VAL B 179 -25.26 -17.66 14.03
CA VAL B 179 -26.50 -18.39 13.75
C VAL B 179 -27.61 -17.91 14.69
N SER B 180 -28.84 -17.79 14.14
CA SER B 180 -30.01 -17.20 14.80
C SER B 180 -29.78 -15.70 15.02
N GLY B 181 -30.22 -15.17 16.19
CA GLY B 181 -29.95 -13.80 16.59
C GLY B 181 -30.47 -13.54 18.01
N GLN B 182 -29.58 -13.04 18.90
CA GLN B 182 -29.97 -12.63 20.24
C GLN B 182 -28.69 -12.39 21.07
N THR B 194 -18.46 4.91 8.33
CA THR B 194 -18.97 3.76 7.54
C THR B 194 -20.48 3.61 7.78
N ARG B 195 -20.92 2.43 8.20
CA ARG B 195 -22.31 2.15 8.59
C ARG B 195 -23.21 1.96 7.37
N SER B 196 -23.96 0.84 7.36
CA SER B 196 -24.95 0.43 6.37
C SER B 196 -24.55 -0.92 5.77
N TYR B 197 -23.86 -0.91 4.61
CA TYR B 197 -23.53 -2.12 3.87
C TYR B 197 -24.80 -2.94 3.61
N MET B 198 -25.97 -2.30 3.79
CA MET B 198 -27.24 -3.00 3.66
C MET B 198 -27.83 -2.63 2.29
N SER B 199 -28.18 -3.65 1.49
CA SER B 199 -28.73 -3.46 0.16
C SER B 199 -30.05 -2.68 0.25
N PRO B 200 -30.43 -1.90 -0.79
CA PRO B 200 -31.62 -1.04 -0.72
C PRO B 200 -32.91 -1.82 -0.47
N GLU B 201 -32.97 -3.05 -0.99
CA GLU B 201 -34.14 -3.89 -0.85
C GLU B 201 -34.30 -4.34 0.61
N ARG B 202 -33.19 -4.55 1.33
CA ARG B 202 -33.26 -4.94 2.72
C ARG B 202 -33.67 -3.74 3.58
N LEU B 203 -33.41 -2.52 3.08
CA LEU B 203 -33.90 -1.32 3.75
C LEU B 203 -35.39 -1.15 3.46
N GLN B 204 -35.90 -1.86 2.46
CA GLN B 204 -37.33 -2.05 2.24
C GLN B 204 -37.76 -3.35 2.94
N HIS B 207 -35.72 -11.28 4.14
CA HIS B 207 -35.55 -12.48 5.01
C HIS B 207 -34.22 -13.17 4.74
N TYR B 208 -33.76 -13.18 3.47
CA TYR B 208 -32.56 -13.89 3.06
C TYR B 208 -32.35 -13.78 1.55
N SER B 209 -31.20 -13.26 1.12
CA SER B 209 -30.77 -13.31 -0.28
C SER B 209 -29.28 -13.00 -0.42
N VAL B 210 -28.67 -13.60 -1.45
CA VAL B 210 -27.27 -13.34 -1.77
C VAL B 210 -27.11 -11.99 -2.45
N GLN B 211 -28.14 -11.52 -3.17
CA GLN B 211 -28.02 -10.30 -3.92
C GLN B 211 -27.66 -9.13 -3.00
N SER B 212 -27.93 -9.27 -1.70
CA SER B 212 -27.66 -8.20 -0.75
C SER B 212 -26.17 -8.18 -0.39
N ASP B 213 -25.59 -9.36 -0.14
CA ASP B 213 -24.14 -9.50 -0.02
C ASP B 213 -23.43 -8.83 -1.18
N ILE B 214 -23.74 -9.28 -2.41
CA ILE B 214 -23.10 -8.77 -3.60
C ILE B 214 -23.09 -7.24 -3.57
N TRP B 215 -24.20 -6.64 -3.15
CA TRP B 215 -24.24 -5.18 -3.01
C TRP B 215 -23.24 -4.71 -1.94
N SER B 216 -23.20 -5.39 -0.79
CA SER B 216 -22.25 -5.04 0.26
C SER B 216 -20.83 -5.14 -0.28
N MET B 217 -20.52 -6.29 -0.89
CA MET B 217 -19.21 -6.52 -1.49
C MET B 217 -18.86 -5.35 -2.40
N GLY B 218 -19.82 -4.94 -3.21
CA GLY B 218 -19.58 -3.90 -4.17
C GLY B 218 -19.23 -2.60 -3.46
N LEU B 219 -19.99 -2.30 -2.40
CA LEU B 219 -19.82 -1.05 -1.70
C LEU B 219 -18.48 -1.06 -0.98
N SER B 220 -18.02 -2.26 -0.59
CA SER B 220 -16.77 -2.43 0.12
C SER B 220 -15.56 -2.20 -0.80
N LEU B 221 -15.65 -2.74 -2.02
CA LEU B 221 -14.58 -2.59 -3.00
C LEU B 221 -14.41 -1.11 -3.38
N VAL B 222 -15.50 -0.36 -3.44
CA VAL B 222 -15.38 1.07 -3.74
C VAL B 222 -14.71 1.73 -2.54
N GLU B 223 -15.12 1.32 -1.33
CA GLU B 223 -14.56 1.85 -0.10
C GLU B 223 -13.04 1.61 -0.05
N MET B 224 -12.64 0.35 -0.26
CA MET B 224 -11.24 -0.03 -0.17
C MET B 224 -10.42 0.63 -1.28
N ALA B 225 -11.02 0.78 -2.47
CA ALA B 225 -10.32 1.33 -3.62
C ALA B 225 -10.11 2.85 -3.50
N VAL B 226 -11.03 3.57 -2.87
CA VAL B 226 -10.92 5.03 -2.84
C VAL B 226 -10.46 5.50 -1.46
N GLY B 227 -10.64 4.68 -0.42
CA GLY B 227 -10.08 4.98 0.88
C GLY B 227 -11.08 5.55 1.90
N ARG B 228 -12.36 5.70 1.51
CA ARG B 228 -13.40 6.15 2.43
C ARG B 228 -14.74 5.51 2.05
N TYR B 229 -15.64 5.43 3.04
CA TYR B 229 -17.01 5.00 2.83
C TYR B 229 -17.61 5.86 1.73
N PRO B 230 -18.12 5.28 0.62
CA PRO B 230 -18.43 6.03 -0.60
C PRO B 230 -19.83 6.63 -0.74
N ILE B 231 -20.54 6.74 0.40
CA ILE B 231 -21.86 7.33 0.46
C ILE B 231 -21.90 8.28 1.65
N PRO B 232 -22.00 9.61 1.44
CA PRO B 232 -22.29 10.19 0.13
C PRO B 232 -21.04 10.23 -0.74
N PRO B 233 -21.16 10.51 -2.06
CA PRO B 233 -20.00 10.48 -2.96
C PRO B 233 -19.09 11.68 -2.68
N PRO B 234 -17.80 11.64 -3.09
CA PRO B 234 -16.89 12.76 -2.87
C PRO B 234 -17.13 13.88 -3.88
N ASP B 235 -16.91 15.12 -3.45
CA ASP B 235 -16.98 16.30 -4.32
C ASP B 235 -15.59 16.56 -4.91
N ALA B 236 -15.55 17.38 -5.96
CA ALA B 236 -14.31 17.77 -6.62
C ALA B 236 -13.32 18.34 -5.59
N LYS B 237 -13.86 19.04 -4.59
CA LYS B 237 -13.10 19.63 -3.52
C LYS B 237 -12.37 18.54 -2.73
N GLU B 238 -12.93 17.32 -2.73
CA GLU B 238 -12.37 16.20 -1.99
C GLU B 238 -11.58 15.28 -2.92
N LEU B 239 -12.07 15.08 -4.14
CA LEU B 239 -11.63 13.95 -4.98
C LEU B 239 -10.17 14.11 -5.40
N GLU B 240 -9.83 15.24 -6.05
CA GLU B 240 -8.51 15.45 -6.61
C GLU B 240 -7.46 15.37 -5.51
N LEU B 241 -7.89 15.61 -4.27
CA LEU B 241 -7.02 15.51 -3.10
C LEU B 241 -6.47 14.09 -2.95
N MET B 242 -7.29 13.10 -3.30
CA MET B 242 -6.95 11.69 -3.09
C MET B 242 -6.01 11.19 -4.18
N PHE B 243 -6.47 11.20 -5.46
CA PHE B 243 -5.79 10.48 -6.53
C PHE B 243 -4.90 11.38 -7.38
N GLY B 244 -5.06 12.70 -7.24
CA GLY B 244 -4.33 13.66 -8.04
C GLY B 244 -5.16 14.23 -9.19
N CYS B 245 -6.18 13.48 -9.65
CA CYS B 245 -6.99 13.90 -10.80
C CYS B 245 -8.32 13.10 -10.88
N PRO B 275 -21.56 16.19 7.93
CA PRO B 275 -21.79 14.81 8.32
C PRO B 275 -23.19 14.35 7.95
N MET B 276 -23.47 13.06 8.16
CA MET B 276 -24.77 12.46 7.88
C MET B 276 -25.21 11.54 9.00
N ALA B 277 -26.50 11.62 9.36
CA ALA B 277 -27.10 10.78 10.38
C ALA B 277 -27.66 9.52 9.75
N ILE B 278 -27.57 8.40 10.48
CA ILE B 278 -27.87 7.07 9.97
C ILE B 278 -29.18 7.09 9.19
N PHE B 279 -30.21 7.75 9.72
CA PHE B 279 -31.52 7.75 9.10
C PHE B 279 -31.45 8.37 7.70
N GLU B 280 -30.57 9.36 7.51
CA GLU B 280 -30.38 10.01 6.22
C GLU B 280 -29.57 9.10 5.30
N LEU B 281 -28.55 8.47 5.88
CA LEU B 281 -27.66 7.57 5.15
C LEU B 281 -28.45 6.40 4.59
N LEU B 282 -29.36 5.84 5.42
CA LEU B 282 -30.20 4.74 4.99
C LEU B 282 -31.23 5.23 3.99
N ASP B 283 -31.60 6.51 4.08
CA ASP B 283 -32.43 7.14 3.06
C ASP B 283 -31.65 7.23 1.75
N TYR B 284 -30.56 8.00 1.76
CA TYR B 284 -29.73 8.24 0.58
C TYR B 284 -29.62 6.98 -0.28
N ILE B 285 -29.30 5.86 0.37
CA ILE B 285 -29.09 4.58 -0.30
C ILE B 285 -30.30 4.18 -1.14
N VAL B 286 -31.51 4.57 -0.69
CA VAL B 286 -32.75 4.03 -1.22
C VAL B 286 -33.20 4.82 -2.45
N ASN B 287 -32.92 6.13 -2.49
CA ASN B 287 -33.50 7.01 -3.50
C ASN B 287 -32.46 7.93 -4.12
N GLU B 288 -31.18 7.52 -4.11
CA GLU B 288 -30.14 8.26 -4.80
C GLU B 288 -29.37 7.26 -5.65
N PRO B 289 -28.67 7.71 -6.73
CA PRO B 289 -27.92 6.76 -7.56
C PRO B 289 -26.83 6.10 -6.73
N PRO B 290 -26.41 4.87 -7.09
CA PRO B 290 -25.39 4.15 -6.31
C PRO B 290 -24.02 4.83 -6.43
N PRO B 291 -23.07 4.51 -5.53
CA PRO B 291 -21.70 5.00 -5.68
C PRO B 291 -21.00 4.33 -6.86
N LYS B 292 -19.91 4.95 -7.33
CA LYS B 292 -19.17 4.43 -8.47
C LYS B 292 -17.69 4.72 -8.26
N LEU B 293 -16.83 3.86 -8.84
CA LEU B 293 -15.41 4.16 -8.94
C LEU B 293 -15.27 5.46 -9.70
N PRO B 294 -14.23 6.29 -9.42
CA PRO B 294 -13.80 7.32 -10.35
C PRO B 294 -13.14 6.72 -11.60
N SER B 295 -13.18 7.48 -12.70
CA SER B 295 -12.72 7.00 -13.99
C SER B 295 -11.21 7.14 -14.08
N GLY B 296 -10.62 6.55 -15.12
CA GLY B 296 -9.23 6.80 -15.47
C GLY B 296 -8.24 6.19 -14.48
N VAL B 297 -8.49 6.37 -13.17
CA VAL B 297 -7.64 5.79 -12.15
C VAL B 297 -7.83 4.27 -12.20
N PHE B 298 -9.07 3.80 -12.30
CA PHE B 298 -9.33 2.37 -12.29
C PHE B 298 -9.65 1.91 -13.71
N SER B 299 -9.33 0.64 -13.98
CA SER B 299 -9.56 0.05 -15.29
C SER B 299 -11.04 -0.02 -15.60
N LEU B 300 -11.35 -0.20 -16.89
CA LEU B 300 -12.73 -0.20 -17.32
C LEU B 300 -13.43 -1.41 -16.70
N GLU B 301 -12.77 -2.56 -16.81
CA GLU B 301 -13.31 -3.80 -16.27
C GLU B 301 -13.64 -3.64 -14.78
N PHE B 302 -12.71 -3.11 -13.97
CA PHE B 302 -12.97 -3.02 -12.54
C PHE B 302 -14.17 -2.10 -12.33
N GLN B 303 -14.23 -0.97 -13.05
CA GLN B 303 -15.34 -0.04 -12.91
C GLN B 303 -16.65 -0.73 -13.25
N ASP B 304 -16.63 -1.58 -14.27
CA ASP B 304 -17.86 -2.21 -14.68
C ASP B 304 -18.33 -3.17 -13.59
N PHE B 305 -17.38 -3.96 -13.08
CA PHE B 305 -17.67 -4.98 -12.09
C PHE B 305 -18.45 -4.41 -10.89
N VAL B 306 -18.02 -3.25 -10.40
CA VAL B 306 -18.64 -2.71 -9.19
C VAL B 306 -20.01 -2.17 -9.55
N ASN B 307 -20.13 -1.63 -10.77
CA ASN B 307 -21.41 -1.18 -11.31
C ASN B 307 -22.42 -2.31 -11.36
N LYS B 308 -21.96 -3.52 -11.70
CA LYS B 308 -22.81 -4.70 -11.75
C LYS B 308 -23.25 -5.12 -10.34
N CYS B 309 -22.42 -4.84 -9.33
CA CYS B 309 -22.70 -5.22 -7.96
C CYS B 309 -23.68 -4.23 -7.33
N LEU B 310 -23.68 -2.97 -7.80
CA LEU B 310 -24.30 -1.86 -7.11
C LEU B 310 -25.57 -1.36 -7.80
N ILE B 311 -26.16 -2.21 -8.65
CA ILE B 311 -27.48 -1.96 -9.21
C ILE B 311 -28.50 -2.09 -8.08
N LYS B 312 -29.29 -1.02 -7.92
CA LYS B 312 -30.28 -0.91 -6.86
C LYS B 312 -31.26 -2.09 -6.88
N ASN B 313 -31.84 -2.40 -8.05
CA ASN B 313 -32.82 -3.47 -8.19
C ASN B 313 -32.15 -4.84 -8.11
N PRO B 314 -32.40 -5.65 -7.06
CA PRO B 314 -31.74 -6.96 -6.91
C PRO B 314 -31.90 -7.95 -8.07
N ALA B 315 -32.99 -7.86 -8.83
CA ALA B 315 -33.23 -8.77 -9.93
C ALA B 315 -32.34 -8.41 -11.12
N GLU B 316 -32.01 -7.11 -11.22
CA GLU B 316 -31.25 -6.54 -12.32
C GLU B 316 -29.77 -6.41 -11.97
N ARG B 317 -29.39 -6.72 -10.72
CA ARG B 317 -28.01 -6.74 -10.26
C ARG B 317 -27.43 -8.13 -10.52
N ALA B 318 -26.12 -8.20 -10.72
CA ALA B 318 -25.46 -9.44 -11.10
C ALA B 318 -25.47 -10.43 -9.93
N ASP B 319 -25.21 -11.70 -10.25
CA ASP B 319 -25.19 -12.76 -9.27
C ASP B 319 -23.88 -13.54 -9.40
N LEU B 320 -23.66 -14.49 -8.51
CA LEU B 320 -22.35 -15.08 -8.33
C LEU B 320 -21.81 -15.66 -9.64
N LYS B 321 -22.71 -16.15 -10.51
CA LYS B 321 -22.29 -16.78 -11.75
C LYS B 321 -21.97 -15.73 -12.81
N GLN B 322 -22.74 -14.64 -12.84
CA GLN B 322 -22.46 -13.50 -13.72
C GLN B 322 -21.14 -12.84 -13.32
N LEU B 323 -20.85 -12.80 -12.00
CA LEU B 323 -19.69 -12.09 -11.49
C LEU B 323 -18.45 -12.94 -11.73
N MET B 324 -18.61 -14.26 -11.61
CA MET B 324 -17.47 -15.16 -11.66
C MET B 324 -16.92 -15.22 -13.08
N VAL B 325 -17.75 -14.94 -14.10
CA VAL B 325 -17.28 -15.01 -15.48
C VAL B 325 -17.04 -13.60 -16.00
N HIS B 326 -17.17 -12.59 -15.13
CA HIS B 326 -16.93 -11.20 -15.49
C HIS B 326 -15.45 -10.96 -15.74
N ALA B 327 -15.17 -10.09 -16.72
CA ALA B 327 -13.83 -9.84 -17.24
C ALA B 327 -12.84 -9.46 -16.14
N PHE B 328 -13.28 -8.58 -15.23
CA PHE B 328 -12.47 -8.19 -14.07
C PHE B 328 -11.98 -9.44 -13.36
N ILE B 329 -12.90 -10.36 -13.09
CA ILE B 329 -12.56 -11.56 -12.34
C ILE B 329 -11.68 -12.50 -13.17
N LYS B 330 -11.97 -12.64 -14.46
CA LYS B 330 -11.19 -13.51 -15.35
C LYS B 330 -9.76 -13.01 -15.41
N ARG B 331 -9.60 -11.70 -15.63
CA ARG B 331 -8.28 -11.08 -15.68
C ARG B 331 -7.55 -11.33 -14.35
N SER B 332 -8.24 -11.03 -13.23
CA SER B 332 -7.63 -11.09 -11.90
C SER B 332 -7.16 -12.51 -11.59
N ASP B 333 -7.95 -13.52 -11.99
CA ASP B 333 -7.59 -14.90 -11.68
C ASP B 333 -6.26 -15.21 -12.34
N ALA B 334 -6.01 -14.60 -13.51
CA ALA B 334 -4.82 -14.90 -14.30
C ALA B 334 -3.59 -14.17 -13.77
N GLU B 335 -3.78 -12.98 -13.18
CA GLU B 335 -2.66 -12.21 -12.66
C GLU B 335 -1.97 -13.02 -11.56
N GLU B 336 -0.64 -13.10 -11.62
CA GLU B 336 0.16 -13.67 -10.55
C GLU B 336 0.49 -12.50 -9.64
N VAL B 337 -0.18 -12.41 -8.48
CA VAL B 337 -0.01 -11.24 -7.62
C VAL B 337 0.57 -11.66 -6.27
N ASP B 338 1.55 -10.88 -5.81
CA ASP B 338 2.23 -11.11 -4.55
C ASP B 338 1.44 -10.44 -3.42
N PHE B 339 0.27 -11.01 -3.14
CA PHE B 339 -0.61 -10.49 -2.12
C PHE B 339 0.09 -10.49 -0.76
N ALA B 340 0.82 -11.57 -0.48
CA ALA B 340 1.41 -11.78 0.84
C ALA B 340 2.52 -10.77 1.09
N GLY B 341 3.34 -10.51 0.07
CA GLY B 341 4.34 -9.46 0.15
C GLY B 341 3.70 -8.09 0.31
N TRP B 342 2.59 -7.86 -0.39
CA TRP B 342 1.95 -6.57 -0.33
C TRP B 342 1.42 -6.35 1.09
N LEU B 343 0.78 -7.40 1.65
CA LEU B 343 0.06 -7.31 2.91
C LEU B 343 1.05 -7.10 4.04
N CYS B 344 2.10 -7.96 4.05
CA CYS B 344 3.15 -7.94 5.04
C CYS B 344 3.87 -6.59 5.05
N SER B 345 4.24 -6.06 3.88
CA SER B 345 4.80 -4.73 3.81
C SER B 345 3.83 -3.68 4.35
N THR B 346 2.53 -3.86 4.08
CA THR B 346 1.55 -2.84 4.40
C THR B 346 1.39 -2.72 5.90
N ILE B 347 1.17 -3.86 6.57
CA ILE B 347 0.79 -3.84 7.97
C ILE B 347 2.02 -4.00 8.86
N GLY B 348 3.20 -4.23 8.29
CA GLY B 348 4.43 -4.30 9.05
C GLY B 348 4.59 -5.64 9.77
N LEU B 349 4.25 -6.73 9.08
CA LEU B 349 4.42 -8.06 9.65
C LEU B 349 5.68 -8.71 9.07
N ASN B 350 6.44 -9.39 9.93
CA ASN B 350 7.68 -10.03 9.51
C ASN B 350 7.41 -11.48 9.12
N GLN B 351 7.09 -11.67 7.83
CA GLN B 351 6.85 -12.96 7.21
C GLN B 351 7.89 -13.99 7.71
C3 WNT C . 12.12 6.24 -15.40
C5 WNT C . 11.03 8.34 -14.95
C6 WNT C . 9.83 7.65 -14.85
C9 WNT C . 10.02 11.99 -13.83
C10 WNT C . 10.77 12.31 -12.49
C11 WNT C . 11.50 13.69 -12.58
C8 WNT C . 10.07 10.52 -14.08
C2 WNT C . 10.89 5.55 -15.29
C7 WNT C . 11.00 9.83 -14.73
C16 WNT C . 14.80 10.27 -15.87
C15 WNT C . 14.47 11.54 -15.02
C13 WNT C . 13.41 11.94 -12.66
C12 WNT C . 12.97 13.38 -12.97
C18 WNT C . 13.60 8.30 -15.37
C17 WNT C . 15.12 10.74 -17.29
C WNT C . 8.41 4.29 -15.30
O WNT C . 8.52 5.65 -14.91
C1 WNT C . 9.74 6.28 -15.01
C14 WNT C . 14.78 11.46 -13.41
C4 WNT C . 12.20 7.62 -15.22
O1 WNT C . 13.23 5.54 -15.67
O2 WNT C . 9.87 12.35 -11.44
O3 WNT C . 10.96 14.37 -13.70
O4 WNT C . 13.67 14.19 -13.45
O5 WNT C . 13.62 9.50 -16.04
O6 WNT C . 14.58 7.80 -15.00
C1 GOL D . -4.85 -0.88 -14.30
O1 GOL D . -5.17 -1.76 -15.37
C2 GOL D . -3.90 -1.51 -13.31
O2 GOL D . -3.65 -0.62 -12.21
C3 GOL D . -4.41 -2.85 -12.78
O3 GOL D . -3.82 -3.96 -13.46
C3 WNT E . -8.50 -12.29 13.59
C5 WNT E . -9.75 -10.37 14.41
C6 WNT E . -8.58 -9.62 14.24
C9 WNT E . -12.60 -9.06 13.08
C10 WNT E . -13.76 -7.99 13.01
C11 WNT E . -15.09 -8.65 12.51
C8 WNT E . -12.06 -9.11 14.48
C2 WNT E . -7.33 -11.51 13.43
C7 WNT E . -10.94 -9.64 14.99
C16 WNT E . -13.17 -13.20 14.80
C15 WNT E . -14.49 -12.36 14.55
C13 WNT E . -16.08 -11.04 12.91
C12 WNT E . -15.61 -9.70 13.53
C18 WNT E . -10.91 -12.76 14.22
C17 WNT E . -13.27 -13.82 16.21
C WNT E . -4.99 -9.96 13.74
O WNT E . -6.28 -9.37 13.61
C1 WNT E . -7.38 -10.16 13.75
C14 WNT E . -15.07 -12.31 13.01
C4 WNT E . -9.70 -11.75 14.08
O1 WNT E . -8.42 -13.59 13.26
O2 WNT E . -13.98 -7.44 14.27
O3 WNT E . -16.06 -7.63 12.54
O4 WNT E . -15.68 -9.47 14.69
O5 WNT E . -12.04 -12.32 14.87
O6 WNT E . -10.84 -13.85 13.79
#